data_1GJG
# 
_entry.id   1GJG 
# 
_audit_conform.dict_name       mmcif_pdbx.dic 
_audit_conform.dict_version    5.398 
_audit_conform.dict_location   http://mmcif.pdb.org/dictionaries/ascii/mmcif_pdbx.dic 
# 
loop_
_database_2.database_id 
_database_2.database_code 
_database_2.pdbx_database_accession 
_database_2.pdbx_DOI 
PDB   1GJG         pdb_00001gjg 10.2210/pdb1gjg/pdb 
RCSB  RCSB001582   ?            ?                   
WWPDB D_1000001582 ?            ?                   
# 
loop_
_pdbx_audit_revision_history.ordinal 
_pdbx_audit_revision_history.data_content_type 
_pdbx_audit_revision_history.major_revision 
_pdbx_audit_revision_history.minor_revision 
_pdbx_audit_revision_history.revision_date 
1 'Structure model' 1 0 2001-05-30 
2 'Structure model' 1 1 2008-04-26 
3 'Structure model' 1 2 2011-07-13 
4 'Structure model' 1 3 2023-12-27 
5 'Structure model' 1 4 2024-11-13 
# 
_pdbx_audit_revision_details.ordinal             1 
_pdbx_audit_revision_details.revision_ordinal    1 
_pdbx_audit_revision_details.data_content_type   'Structure model' 
_pdbx_audit_revision_details.provider            repository 
_pdbx_audit_revision_details.type                'Initial release' 
_pdbx_audit_revision_details.description         ? 
_pdbx_audit_revision_details.details             ? 
# 
loop_
_pdbx_audit_revision_group.ordinal 
_pdbx_audit_revision_group.revision_ordinal 
_pdbx_audit_revision_group.data_content_type 
_pdbx_audit_revision_group.group 
1  2 'Structure model' 'Version format compliance' 
2  3 'Structure model' 'Atomic model'              
3  3 'Structure model' 'Database references'       
4  3 'Structure model' 'Derived calculations'      
5  3 'Structure model' 'Non-polymer description'   
6  3 'Structure model' 'Structure summary'         
7  3 'Structure model' 'Version format compliance' 
8  4 'Structure model' 'Data collection'           
9  4 'Structure model' 'Database references'       
10 4 'Structure model' 'Derived calculations'      
11 5 'Structure model' 'Structure summary'         
# 
loop_
_pdbx_audit_revision_category.ordinal 
_pdbx_audit_revision_category.revision_ordinal 
_pdbx_audit_revision_category.data_content_type 
_pdbx_audit_revision_category.category 
1 4 'Structure model' chem_comp_atom            
2 4 'Structure model' chem_comp_bond            
3 4 'Structure model' database_2                
4 4 'Structure model' pdbx_nmr_software         
5 4 'Structure model' pdbx_nmr_spectrometer     
6 4 'Structure model' struct_conn               
7 4 'Structure model' struct_site               
8 5 'Structure model' pdbx_entry_details        
9 5 'Structure model' pdbx_modification_feature 
# 
loop_
_pdbx_audit_revision_item.ordinal 
_pdbx_audit_revision_item.revision_ordinal 
_pdbx_audit_revision_item.data_content_type 
_pdbx_audit_revision_item.item 
1  4 'Structure model' '_database_2.pdbx_DOI'                
2  4 'Structure model' '_database_2.pdbx_database_accession' 
3  4 'Structure model' '_pdbx_nmr_software.name'             
4  4 'Structure model' '_pdbx_nmr_spectrometer.model'        
5  4 'Structure model' '_struct_conn.pdbx_dist_value'        
6  4 'Structure model' '_struct_conn.pdbx_leaving_atom_flag' 
7  4 'Structure model' '_struct_conn.ptnr1_auth_comp_id'     
8  4 'Structure model' '_struct_conn.ptnr1_auth_seq_id'      
9  4 'Structure model' '_struct_conn.ptnr1_label_atom_id'    
10 4 'Structure model' '_struct_conn.ptnr1_label_comp_id'    
11 4 'Structure model' '_struct_conn.ptnr1_label_seq_id'     
12 4 'Structure model' '_struct_conn.ptnr2_auth_comp_id'     
13 4 'Structure model' '_struct_conn.ptnr2_auth_seq_id'      
14 4 'Structure model' '_struct_conn.ptnr2_label_asym_id'    
15 4 'Structure model' '_struct_conn.ptnr2_label_atom_id'    
16 4 'Structure model' '_struct_conn.ptnr2_label_comp_id'    
17 4 'Structure model' '_struct_conn.ptnr2_label_seq_id'     
18 4 'Structure model' '_struct_site.pdbx_auth_asym_id'      
19 4 'Structure model' '_struct_site.pdbx_auth_comp_id'      
20 4 'Structure model' '_struct_site.pdbx_auth_seq_id'       
# 
_pdbx_database_status.status_code                     REL 
_pdbx_database_status.entry_id                        1GJG 
_pdbx_database_status.recvd_initial_deposition_date   2001-05-11 
_pdbx_database_status.deposit_site                    RCSB 
_pdbx_database_status.process_site                    RCSB 
_pdbx_database_status.SG_entry                        . 
_pdbx_database_status.status_code_sf                  ? 
_pdbx_database_status.status_code_mr                  ? 
_pdbx_database_status.status_code_cs                  ? 
_pdbx_database_status.pdb_format_compatible           Y 
_pdbx_database_status.status_code_nmr_data            ? 
_pdbx_database_status.methods_development_category    ? 
# 
loop_
_pdbx_database_related.db_name 
_pdbx_database_related.db_id 
_pdbx_database_related.details 
_pdbx_database_related.content_type 
PDB 1imw 'peptide antagonist of IGFBP1'                                                                    unspecified 
PDB 1in2 'peptide antagonist of IGFBP1, (i,i+7) covalently restrained analog'                              unspecified 
PDB 1IN3 'peptide antagonist of IGFBP1, (i,i+8) covalently restrained analog'                              unspecified 
PDB 1gje 'peptide antagonist of IGFBP-1, minimized average structure'                                      unspecified 
PDB 1gjf 'peptide antagonist of IGFBP1, (i,i+7) covalently restrained analog, minimized average structure' unspecified 
# 
loop_
_audit_author.name 
_audit_author.pdbx_ordinal 
'Skelton, N.J.'   1  
'Chen, Y.M.'      2  
'Dubree, N.'      3  
'Quan, C.'        4  
'Jackson, D.Y.'   5  
'Cochran, A.G.'   6  
'Zobel, K.'       7  
'Deshayes, K.'    8  
'Baca, M.'        9  
'Pisabarro, M.T.' 10 
'Lowman, H.B.'    11 
# 
loop_
_citation.id 
_citation.title 
_citation.journal_abbrev 
_citation.journal_volume 
_citation.page_first 
_citation.page_last 
_citation.year 
_citation.journal_id_ASTM 
_citation.country 
_citation.journal_id_ISSN 
_citation.journal_id_CSD 
_citation.book_publisher 
_citation.pdbx_database_id_PubMed 
_citation.pdbx_database_id_DOI 
primary 
'Structure-function analysis of a phage display-derived peptide that binds to insulin-like growth factor binding protein 1.' 
Biochemistry 40 8487 8498 2001 BICHAW US 0006-2960 0033 ? 11456486 10.1021/bi0103866 
1       'Molecular Mimics of Insulin-like Growth Factor 1 (IGF-1) for Inhibiting IGF-1: IGF-Binding Protein Interactions' 
Biochemistry 37 8870 8878 1998 BICHAW US 0006-2960 0033 ? ?        10.1021/bi980426e 
# 
loop_
_citation_author.citation_id 
_citation_author.name 
_citation_author.ordinal 
_citation_author.identifier_ORCID 
primary 'Skelton, N.J.'   1  ? 
primary 'Chen, Y.M.'      2  ? 
primary 'Dubree, N.'      3  ? 
primary 'Quan, C.'        4  ? 
primary 'Jackson, D.Y.'   5  ? 
primary 'Cochran, A.'     6  ? 
primary 'Zobel, K.'       7  ? 
primary 'Deshayes, K.'    8  ? 
primary 'Baca, M.'        9  ? 
primary 'Pisabarro, M.T.' 10 ? 
primary 'Lowman, H.B.'    11 ? 
1       'Lowman, H.B.'    12 ? 
1       'Chen, Y.M.'      13 ? 
1       'Skelton, N.J.'   14 ? 
1       'Mortensen, D.L.' 15 ? 
1       'Tomlinson, E.E.' 16 ? 
1       'Sadick, M.D.'    17 ? 
1       'Robinson, I.C.'  18 ? 
1       'Clark, R.G.'     19 ? 
# 
loop_
_entity.id 
_entity.type 
_entity.src_method 
_entity.pdbx_description 
_entity.formula_weight 
_entity.pdbx_number_of_molecules 
_entity.pdbx_ec 
_entity.pdbx_mutation 
_entity.pdbx_fragment 
_entity.details 
1 polymer     syn 'IGFBP-1 antagonist' 1604.871 1 ? ? ? '(i,i+8) locked helix variant of bp1-01' 
2 non-polymer syn PENTANE              72.149   1 ? ? ? ?                                        
# 
_entity_poly.entity_id                      1 
_entity_poly.type                           'polypeptide(L)' 
_entity_poly.nstd_linkage                   no 
_entity_poly.nstd_monomer                   yes 
_entity_poly.pdbx_seq_one_letter_code       '(ACE)RPLQWLAEKYFQ(NH2)' 
_entity_poly.pdbx_seq_one_letter_code_can   XRPLQWLAEKYFQX 
_entity_poly.pdbx_strand_id                 A 
_entity_poly.pdbx_target_identifier         ? 
# 
_pdbx_entity_nonpoly.entity_id   2 
_pdbx_entity_nonpoly.name        PENTANE 
_pdbx_entity_nonpoly.comp_id     LNK 
# 
loop_
_entity_poly_seq.entity_id 
_entity_poly_seq.num 
_entity_poly_seq.mon_id 
_entity_poly_seq.hetero 
1 1  ACE n 
1 2  ARG n 
1 3  PRO n 
1 4  LEU n 
1 5  GLN n 
1 6  TRP n 
1 7  LEU n 
1 8  ALA n 
1 9  GLU n 
1 10 LYS n 
1 11 TYR n 
1 12 PHE n 
1 13 GLN n 
1 14 NH2 n 
# 
_pdbx_entity_src_syn.entity_id              1 
_pdbx_entity_src_syn.pdbx_src_id            1 
_pdbx_entity_src_syn.pdbx_alt_source_flag   sample 
_pdbx_entity_src_syn.pdbx_beg_seq_num       ? 
_pdbx_entity_src_syn.pdbx_end_seq_num       ? 
_pdbx_entity_src_syn.organism_scientific    ? 
_pdbx_entity_src_syn.organism_common_name   ? 
_pdbx_entity_src_syn.ncbi_taxonomy_id       ? 
_pdbx_entity_src_syn.details                
'The peptide was chemically synthesized. It was designed from sequence selected from phage display library.' 
# 
loop_
_chem_comp.id 
_chem_comp.type 
_chem_comp.mon_nstd_flag 
_chem_comp.name 
_chem_comp.pdbx_synonyms 
_chem_comp.formula 
_chem_comp.formula_weight 
ACE non-polymer         . 'ACETYL GROUP'  ? 'C2 H4 O'        44.053  
ALA 'L-peptide linking' y ALANINE         ? 'C3 H7 N O2'     89.093  
ARG 'L-peptide linking' y ARGININE        ? 'C6 H15 N4 O2 1' 175.209 
GLN 'L-peptide linking' y GLUTAMINE       ? 'C5 H10 N2 O3'   146.144 
GLU 'L-peptide linking' y 'GLUTAMIC ACID' ? 'C5 H9 N O4'     147.129 
LEU 'L-peptide linking' y LEUCINE         ? 'C6 H13 N O2'    131.173 
LNK non-polymer         . PENTANE         ? 'C5 H12'         72.149  
LYS 'L-peptide linking' y LYSINE          ? 'C6 H15 N2 O2 1' 147.195 
NH2 non-polymer         . 'AMINO GROUP'   ? 'H2 N'           16.023  
PHE 'L-peptide linking' y PHENYLALANINE   ? 'C9 H11 N O2'    165.189 
PRO 'L-peptide linking' y PROLINE         ? 'C5 H9 N O2'     115.130 
TRP 'L-peptide linking' y TRYPTOPHAN      ? 'C11 H12 N2 O2'  204.225 
TYR 'L-peptide linking' y TYROSINE        ? 'C9 H11 N O3'    181.189 
# 
loop_
_pdbx_poly_seq_scheme.asym_id 
_pdbx_poly_seq_scheme.entity_id 
_pdbx_poly_seq_scheme.seq_id 
_pdbx_poly_seq_scheme.mon_id 
_pdbx_poly_seq_scheme.ndb_seq_num 
_pdbx_poly_seq_scheme.pdb_seq_num 
_pdbx_poly_seq_scheme.auth_seq_num 
_pdbx_poly_seq_scheme.pdb_mon_id 
_pdbx_poly_seq_scheme.auth_mon_id 
_pdbx_poly_seq_scheme.pdb_strand_id 
_pdbx_poly_seq_scheme.pdb_ins_code 
_pdbx_poly_seq_scheme.hetero 
A 1 1  ACE 1  3  3  ACE ACE A . n 
A 1 2  ARG 2  4  4  ARG ARG A . n 
A 1 3  PRO 3  5  5  PRO PRO A . n 
A 1 4  LEU 4  6  6  LEU LEU A . n 
A 1 5  GLN 5  7  7  GLN GLN A . n 
A 1 6  TRP 6  8  8  TRP TRP A . n 
A 1 7  LEU 7  9  9  LEU LEU A . n 
A 1 8  ALA 8  10 10 ALA ALA A . n 
A 1 9  GLU 9  11 11 GLU GLU A . n 
A 1 10 LYS 10 12 12 LYS LYS A . n 
A 1 11 TYR 11 13 13 TYR TYR A . n 
A 1 12 PHE 12 14 14 PHE PHE A . n 
A 1 13 GLN 13 15 15 GLN GLN A . n 
A 1 14 NH2 14 16 16 NH2 NH2 A . n 
# 
_pdbx_nonpoly_scheme.asym_id         B 
_pdbx_nonpoly_scheme.entity_id       2 
_pdbx_nonpoly_scheme.mon_id          LNK 
_pdbx_nonpoly_scheme.ndb_seq_num     1 
_pdbx_nonpoly_scheme.pdb_seq_num     17 
_pdbx_nonpoly_scheme.auth_seq_num    17 
_pdbx_nonpoly_scheme.pdb_mon_id      LNK 
_pdbx_nonpoly_scheme.auth_mon_id     LNK 
_pdbx_nonpoly_scheme.pdb_strand_id   A 
_pdbx_nonpoly_scheme.pdb_ins_code    . 
# 
_cell.entry_id           1GJG 
_cell.length_a           1.000 
_cell.length_b           1.000 
_cell.length_c           1.000 
_cell.angle_alpha        90.00 
_cell.angle_beta         90.00 
_cell.angle_gamma        90.00 
_cell.Z_PDB              1 
_cell.pdbx_unique_axis   ? 
# 
_symmetry.entry_id                         1GJG 
_symmetry.space_group_name_H-M             'P 1' 
_symmetry.pdbx_full_space_group_name_H-M   ? 
_symmetry.cell_setting                     ? 
_symmetry.Int_Tables_number                1 
# 
_exptl.entry_id          1GJG 
_exptl.method            'SOLUTION NMR' 
_exptl.crystals_number   ? 
# 
_struct.entry_id                  1GJG 
_struct.title                     'Peptide Antagonist of IGFBP1, (i,i+8) Covalently Restrained Analog, Minimized Average Structure' 
_struct.pdbx_model_details        ? 
_struct.pdbx_CASP_flag            ? 
_struct.pdbx_model_type_details   ? 
# 
_struct_keywords.entry_id        1GJG 
_struct_keywords.pdbx_keywords   ANTAGONIST 
_struct_keywords.text            'covalently constrained helix, ANTAGONIST' 
# 
loop_
_struct_asym.id 
_struct_asym.pdbx_blank_PDB_chainid_flag 
_struct_asym.pdbx_modified 
_struct_asym.entity_id 
_struct_asym.details 
A N N 1 ? 
B N N 2 ? 
# 
_struct_ref.id                         1 
_struct_ref.db_name                    PDB 
_struct_ref.db_code                    1GJG 
_struct_ref.pdbx_db_accession          1GJG 
_struct_ref.entity_id                  1 
_struct_ref.pdbx_align_begin           ? 
_struct_ref.pdbx_seq_one_letter_code   ? 
_struct_ref.pdbx_db_isoform            ? 
# 
_struct_ref_seq.align_id                      1 
_struct_ref_seq.ref_id                        1 
_struct_ref_seq.pdbx_PDB_id_code              1GJG 
_struct_ref_seq.pdbx_strand_id                A 
_struct_ref_seq.seq_align_beg                 1 
_struct_ref_seq.pdbx_seq_align_beg_ins_code   ? 
_struct_ref_seq.seq_align_end                 14 
_struct_ref_seq.pdbx_seq_align_end_ins_code   ? 
_struct_ref_seq.pdbx_db_accession             1GJG 
_struct_ref_seq.db_align_beg                  3 
_struct_ref_seq.pdbx_db_align_beg_ins_code    ? 
_struct_ref_seq.db_align_end                  16 
_struct_ref_seq.pdbx_db_align_end_ins_code    ? 
_struct_ref_seq.pdbx_auth_seq_align_beg       3 
_struct_ref_seq.pdbx_auth_seq_align_end       16 
# 
_pdbx_struct_assembly.id                   1 
_pdbx_struct_assembly.details              author_defined_assembly 
_pdbx_struct_assembly.method_details       ? 
_pdbx_struct_assembly.oligomeric_details   monomeric 
_pdbx_struct_assembly.oligomeric_count     1 
# 
_pdbx_struct_assembly_gen.assembly_id       1 
_pdbx_struct_assembly_gen.oper_expression   1 
_pdbx_struct_assembly_gen.asym_id_list      A,B 
# 
_pdbx_struct_oper_list.id                   1 
_pdbx_struct_oper_list.type                 'identity operation' 
_pdbx_struct_oper_list.name                 1_555 
_pdbx_struct_oper_list.symmetry_operation   x,y,z 
_pdbx_struct_oper_list.matrix[1][1]         1.0000000000 
_pdbx_struct_oper_list.matrix[1][2]         0.0000000000 
_pdbx_struct_oper_list.matrix[1][3]         0.0000000000 
_pdbx_struct_oper_list.vector[1]            0.0000000000 
_pdbx_struct_oper_list.matrix[2][1]         0.0000000000 
_pdbx_struct_oper_list.matrix[2][2]         1.0000000000 
_pdbx_struct_oper_list.matrix[2][3]         0.0000000000 
_pdbx_struct_oper_list.vector[2]            0.0000000000 
_pdbx_struct_oper_list.matrix[3][1]         0.0000000000 
_pdbx_struct_oper_list.matrix[3][2]         0.0000000000 
_pdbx_struct_oper_list.matrix[3][3]         1.0000000000 
_pdbx_struct_oper_list.vector[3]            0.0000000000 
# 
_struct_biol.id        1 
_struct_biol.details   ? 
# 
_struct_conf.conf_type_id            HELX_P 
_struct_conf.id                      HELX_P1 
_struct_conf.pdbx_PDB_helix_id       1 
_struct_conf.beg_label_comp_id       LEU 
_struct_conf.beg_label_asym_id       A 
_struct_conf.beg_label_seq_id        4 
_struct_conf.pdbx_beg_PDB_ins_code   ? 
_struct_conf.end_label_comp_id       TYR 
_struct_conf.end_label_asym_id       A 
_struct_conf.end_label_seq_id        11 
_struct_conf.pdbx_end_PDB_ins_code   ? 
_struct_conf.beg_auth_comp_id        LEU 
_struct_conf.beg_auth_asym_id        A 
_struct_conf.beg_auth_seq_id         6 
_struct_conf.end_auth_comp_id        TYR 
_struct_conf.end_auth_asym_id        A 
_struct_conf.end_auth_seq_id         13 
_struct_conf.pdbx_PDB_helix_class    1 
_struct_conf.details                 ? 
_struct_conf.pdbx_PDB_helix_length   8 
# 
_struct_conf_type.id          HELX_P 
_struct_conf_type.criteria    ? 
_struct_conf_type.reference   ? 
# 
loop_
_struct_conn.id 
_struct_conn.conn_type_id 
_struct_conn.pdbx_leaving_atom_flag 
_struct_conn.pdbx_PDB_id 
_struct_conn.ptnr1_label_asym_id 
_struct_conn.ptnr1_label_comp_id 
_struct_conn.ptnr1_label_seq_id 
_struct_conn.ptnr1_label_atom_id 
_struct_conn.pdbx_ptnr1_label_alt_id 
_struct_conn.pdbx_ptnr1_PDB_ins_code 
_struct_conn.pdbx_ptnr1_standard_comp_id 
_struct_conn.ptnr1_symmetry 
_struct_conn.ptnr2_label_asym_id 
_struct_conn.ptnr2_label_comp_id 
_struct_conn.ptnr2_label_seq_id 
_struct_conn.ptnr2_label_atom_id 
_struct_conn.pdbx_ptnr2_label_alt_id 
_struct_conn.pdbx_ptnr2_PDB_ins_code 
_struct_conn.ptnr1_auth_asym_id 
_struct_conn.ptnr1_auth_comp_id 
_struct_conn.ptnr1_auth_seq_id 
_struct_conn.ptnr2_auth_asym_id 
_struct_conn.ptnr2_auth_comp_id 
_struct_conn.ptnr2_auth_seq_id 
_struct_conn.ptnr2_symmetry 
_struct_conn.pdbx_ptnr3_label_atom_id 
_struct_conn.pdbx_ptnr3_label_seq_id 
_struct_conn.pdbx_ptnr3_label_comp_id 
_struct_conn.pdbx_ptnr3_label_asym_id 
_struct_conn.pdbx_ptnr3_label_alt_id 
_struct_conn.pdbx_ptnr3_PDB_ins_code 
_struct_conn.details 
_struct_conn.pdbx_dist_value 
_struct_conn.pdbx_value_order 
_struct_conn.pdbx_role 
covale1 covale both ? A ACE 1  C   ? ? ? 1_555 A ARG 2  N  ? ? A ACE 3  A ARG 4  1_555 ? ? ? ? ? ? ? 1.337 ? ? 
covale2 covale none ? A GLN 5  NE2 ? ? ? 1_555 B LNK .  C5 ? ? A GLN 7  A LNK 17 1_555 ? ? ? ? ? ? ? 1.455 ? ? 
covale3 covale both ? A GLN 13 C   ? ? ? 1_555 A NH2 14 N  ? ? A GLN 15 A NH2 16 1_555 ? ? ? ? ? ? ? 1.337 ? ? 
covale4 covale none ? A GLN 13 NE2 ? ? ? 1_555 B LNK .  C1 ? ? A GLN 15 A LNK 17 1_555 ? ? ? ? ? ? ? 1.451 ? ? 
# 
_struct_conn_type.id          covale 
_struct_conn_type.criteria    ? 
_struct_conn_type.reference   ? 
# 
loop_
_pdbx_modification_feature.ordinal 
_pdbx_modification_feature.label_comp_id 
_pdbx_modification_feature.label_asym_id 
_pdbx_modification_feature.label_seq_id 
_pdbx_modification_feature.label_alt_id 
_pdbx_modification_feature.modified_residue_label_comp_id 
_pdbx_modification_feature.modified_residue_label_asym_id 
_pdbx_modification_feature.modified_residue_label_seq_id 
_pdbx_modification_feature.modified_residue_label_alt_id 
_pdbx_modification_feature.auth_comp_id 
_pdbx_modification_feature.auth_asym_id 
_pdbx_modification_feature.auth_seq_id 
_pdbx_modification_feature.PDB_ins_code 
_pdbx_modification_feature.symmetry 
_pdbx_modification_feature.modified_residue_auth_comp_id 
_pdbx_modification_feature.modified_residue_auth_asym_id 
_pdbx_modification_feature.modified_residue_auth_seq_id 
_pdbx_modification_feature.modified_residue_PDB_ins_code 
_pdbx_modification_feature.modified_residue_symmetry 
_pdbx_modification_feature.comp_id_linking_atom 
_pdbx_modification_feature.modified_residue_id_linking_atom 
_pdbx_modification_feature.modified_residue_id 
_pdbx_modification_feature.ref_pcm_id 
_pdbx_modification_feature.ref_comp_id 
_pdbx_modification_feature.type 
_pdbx_modification_feature.category 
1 ACE A 1  ? ARG A 2  ? ACE A 3  ? 1_555 ARG A 4  ? 1_555 .  .   ARG 8  ACE None 'Terminal acetylation' 
2 NH2 A 14 ? GLN A 13 ? NH2 A 16 ? 1_555 GLN A 15 ? 1_555 .  .   GLN 18 NH2 None 'Terminal amidation'   
3 LNK B .  ? GLN A 13 ? LNK A 17 ? 1_555 GLN A 15 ? 1_555 C1 NE2 GLN 1  LNK None Crosslinker            
4 LNK B .  ? GLN A 5  ? LNK A 17 ? 1_555 GLN A 7  ? 1_555 C5 NE2 GLN 2  LNK None Crosslinker            
# 
_struct_site.id                   AC1 
_struct_site.pdbx_evidence_code   Software 
_struct_site.pdbx_auth_asym_id    A 
_struct_site.pdbx_auth_comp_id    LNK 
_struct_site.pdbx_auth_seq_id     17 
_struct_site.pdbx_auth_ins_code   ? 
_struct_site.pdbx_num_residues    2 
_struct_site.details              'BINDING SITE FOR RESIDUE LNK A 17' 
# 
loop_
_struct_site_gen.id 
_struct_site_gen.site_id 
_struct_site_gen.pdbx_num_res 
_struct_site_gen.label_comp_id 
_struct_site_gen.label_asym_id 
_struct_site_gen.label_seq_id 
_struct_site_gen.pdbx_auth_ins_code 
_struct_site_gen.auth_comp_id 
_struct_site_gen.auth_asym_id 
_struct_site_gen.auth_seq_id 
_struct_site_gen.label_atom_id 
_struct_site_gen.label_alt_id 
_struct_site_gen.symmetry 
_struct_site_gen.details 
1 AC1 2 GLN A 5  ? GLN A 7  . ? 1_555 ? 
2 AC1 2 GLN A 13 ? GLN A 15 . ? 1_555 ? 
# 
_pdbx_entry_details.entry_id                   1GJG 
_pdbx_entry_details.compound_details           ? 
_pdbx_entry_details.source_details             ? 
_pdbx_entry_details.nonpolymer_details         ? 
_pdbx_entry_details.sequence_details           ? 
_pdbx_entry_details.has_ligand_of_interest     ? 
_pdbx_entry_details.has_protein_modification   Y 
# 
_pdbx_nmr_ensemble.entry_id                                      1GJG 
_pdbx_nmr_ensemble.conformers_calculated_total_number            ? 
_pdbx_nmr_ensemble.conformers_submitted_total_number             1 
_pdbx_nmr_ensemble.conformer_selection_criteria                  ? 
_pdbx_nmr_ensemble.average_constraints_per_residue               ? 
_pdbx_nmr_ensemble.average_constraint_violations_per_residue     ? 
_pdbx_nmr_ensemble.maximum_distance_constraint_violation         ? 
_pdbx_nmr_ensemble.average_distance_constraint_violation         ? 
_pdbx_nmr_ensemble.maximum_upper_distance_constraint_violation   ? 
_pdbx_nmr_ensemble.maximum_lower_distance_constraint_violation   ? 
_pdbx_nmr_ensemble.distance_constraint_violation_method          ? 
_pdbx_nmr_ensemble.maximum_torsion_angle_constraint_violation    ? 
_pdbx_nmr_ensemble.average_torsion_angle_constraint_violation    ? 
_pdbx_nmr_ensemble.torsion_angle_constraint_violation_method     ? 
# 
loop_
_pdbx_nmr_sample_details.solution_id 
_pdbx_nmr_sample_details.contents 
_pdbx_nmr_sample_details.solvent_system 
1 '5 mM peptide' '90% H2O/10% D2O' 
2 '5 mM peptide' '100% D2O'        
# 
loop_
_pdbx_nmr_exptl_sample_conditions.conditions_id 
_pdbx_nmr_exptl_sample_conditions.temperature 
_pdbx_nmr_exptl_sample_conditions.pressure 
_pdbx_nmr_exptl_sample_conditions.pH 
_pdbx_nmr_exptl_sample_conditions.ionic_strength 
_pdbx_nmr_exptl_sample_conditions.pressure_units 
_pdbx_nmr_exptl_sample_conditions.temperature_units 
1 303 1 5.0 0 atm K 
2 303 1 5.0 0 atm K 
# 
loop_
_pdbx_nmr_exptl.experiment_id 
_pdbx_nmr_exptl.solution_id 
_pdbx_nmr_exptl.conditions_id 
_pdbx_nmr_exptl.type 
1 1 1 2D-ROESY 
2 1 1 DQF-COSY 
3 2 2 2D-ROESY 
4 2 2 COSY-35  
# 
_pdbx_nmr_details.entry_id   1GJG 
_pdbx_nmr_details.text       'This structure was determined using standard 2D homonuclear techniques.' 
# 
_pdbx_nmr_refine.entry_id           1GJG 
_pdbx_nmr_refine.method             'restrained molecular dynamics' 
_pdbx_nmr_refine.details            
;The structure was detemined on the basis of 104 NOE distancerestraints and 11 dihedral angle restraints. The resulting ensemble had no restraint violations greater than 0.07 Angstroms or 1.4 deg. The mean restraint violation energy was 0.13+/- 0.04 kcal/mol.
;
_pdbx_nmr_refine.software_ordinal   1 
# 
loop_
_pdbx_nmr_software.name 
_pdbx_nmr_software.version 
_pdbx_nmr_software.classification 
_pdbx_nmr_software.authors 
_pdbx_nmr_software.ordinal 
Felix    970 'data analysis' msi   1 
DGII     970 refinement      havel 2 
Discover 970 refinement      msi   3 
# 
loop_
_chem_comp_atom.comp_id 
_chem_comp_atom.atom_id 
_chem_comp_atom.type_symbol 
_chem_comp_atom.pdbx_aromatic_flag 
_chem_comp_atom.pdbx_stereo_config 
_chem_comp_atom.pdbx_ordinal 
ACE C    C N N 1   
ACE O    O N N 2   
ACE CH3  C N N 3   
ACE H    H N N 4   
ACE H1   H N N 5   
ACE H2   H N N 6   
ACE H3   H N N 7   
ALA N    N N N 8   
ALA CA   C N S 9   
ALA C    C N N 10  
ALA O    O N N 11  
ALA CB   C N N 12  
ALA OXT  O N N 13  
ALA H    H N N 14  
ALA H2   H N N 15  
ALA HA   H N N 16  
ALA HB1  H N N 17  
ALA HB2  H N N 18  
ALA HB3  H N N 19  
ALA HXT  H N N 20  
ARG N    N N N 21  
ARG CA   C N S 22  
ARG C    C N N 23  
ARG O    O N N 24  
ARG CB   C N N 25  
ARG CG   C N N 26  
ARG CD   C N N 27  
ARG NE   N N N 28  
ARG CZ   C N N 29  
ARG NH1  N N N 30  
ARG NH2  N N N 31  
ARG OXT  O N N 32  
ARG H    H N N 33  
ARG H2   H N N 34  
ARG HA   H N N 35  
ARG HB2  H N N 36  
ARG HB3  H N N 37  
ARG HG2  H N N 38  
ARG HG3  H N N 39  
ARG HD2  H N N 40  
ARG HD3  H N N 41  
ARG HE   H N N 42  
ARG HH11 H N N 43  
ARG HH12 H N N 44  
ARG HH21 H N N 45  
ARG HH22 H N N 46  
ARG HXT  H N N 47  
GLN N    N N N 48  
GLN CA   C N S 49  
GLN C    C N N 50  
GLN O    O N N 51  
GLN CB   C N N 52  
GLN CG   C N N 53  
GLN CD   C N N 54  
GLN OE1  O N N 55  
GLN NE2  N N N 56  
GLN OXT  O N N 57  
GLN H    H N N 58  
GLN H2   H N N 59  
GLN HA   H N N 60  
GLN HB2  H N N 61  
GLN HB3  H N N 62  
GLN HG2  H N N 63  
GLN HG3  H N N 64  
GLN HE21 H N N 65  
GLN HE22 H N N 66  
GLN HXT  H N N 67  
GLU N    N N N 68  
GLU CA   C N S 69  
GLU C    C N N 70  
GLU O    O N N 71  
GLU CB   C N N 72  
GLU CG   C N N 73  
GLU CD   C N N 74  
GLU OE1  O N N 75  
GLU OE2  O N N 76  
GLU OXT  O N N 77  
GLU H    H N N 78  
GLU H2   H N N 79  
GLU HA   H N N 80  
GLU HB2  H N N 81  
GLU HB3  H N N 82  
GLU HG2  H N N 83  
GLU HG3  H N N 84  
GLU HE2  H N N 85  
GLU HXT  H N N 86  
LEU N    N N N 87  
LEU CA   C N S 88  
LEU C    C N N 89  
LEU O    O N N 90  
LEU CB   C N N 91  
LEU CG   C N N 92  
LEU CD1  C N N 93  
LEU CD2  C N N 94  
LEU OXT  O N N 95  
LEU H    H N N 96  
LEU H2   H N N 97  
LEU HA   H N N 98  
LEU HB2  H N N 99  
LEU HB3  H N N 100 
LEU HG   H N N 101 
LEU HD11 H N N 102 
LEU HD12 H N N 103 
LEU HD13 H N N 104 
LEU HD21 H N N 105 
LEU HD22 H N N 106 
LEU HD23 H N N 107 
LEU HXT  H N N 108 
LNK C1   C N N 109 
LNK C2   C N N 110 
LNK C3   C N N 111 
LNK C4   C N N 112 
LNK C5   C N N 113 
LNK H11  H N N 114 
LNK H12  H N N 115 
LNK H13  H N N 116 
LNK H21  H N N 117 
LNK H22  H N N 118 
LNK H31  H N N 119 
LNK H32  H N N 120 
LNK H41  H N N 121 
LNK H42  H N N 122 
LNK H51  H N N 123 
LNK H52  H N N 124 
LNK H23  H N N 125 
LYS N    N N N 126 
LYS CA   C N S 127 
LYS C    C N N 128 
LYS O    O N N 129 
LYS CB   C N N 130 
LYS CG   C N N 131 
LYS CD   C N N 132 
LYS CE   C N N 133 
LYS NZ   N N N 134 
LYS OXT  O N N 135 
LYS H    H N N 136 
LYS H2   H N N 137 
LYS HA   H N N 138 
LYS HB2  H N N 139 
LYS HB3  H N N 140 
LYS HG2  H N N 141 
LYS HG3  H N N 142 
LYS HD2  H N N 143 
LYS HD3  H N N 144 
LYS HE2  H N N 145 
LYS HE3  H N N 146 
LYS HZ1  H N N 147 
LYS HZ2  H N N 148 
LYS HZ3  H N N 149 
LYS HXT  H N N 150 
NH2 N    N N N 151 
NH2 HN1  H N N 152 
NH2 HN2  H N N 153 
PHE N    N N N 154 
PHE CA   C N S 155 
PHE C    C N N 156 
PHE O    O N N 157 
PHE CB   C N N 158 
PHE CG   C Y N 159 
PHE CD1  C Y N 160 
PHE CD2  C Y N 161 
PHE CE1  C Y N 162 
PHE CE2  C Y N 163 
PHE CZ   C Y N 164 
PHE OXT  O N N 165 
PHE H    H N N 166 
PHE H2   H N N 167 
PHE HA   H N N 168 
PHE HB2  H N N 169 
PHE HB3  H N N 170 
PHE HD1  H N N 171 
PHE HD2  H N N 172 
PHE HE1  H N N 173 
PHE HE2  H N N 174 
PHE HZ   H N N 175 
PHE HXT  H N N 176 
PRO N    N N N 177 
PRO CA   C N S 178 
PRO C    C N N 179 
PRO O    O N N 180 
PRO CB   C N N 181 
PRO CG   C N N 182 
PRO CD   C N N 183 
PRO OXT  O N N 184 
PRO H    H N N 185 
PRO HA   H N N 186 
PRO HB2  H N N 187 
PRO HB3  H N N 188 
PRO HG2  H N N 189 
PRO HG3  H N N 190 
PRO HD2  H N N 191 
PRO HD3  H N N 192 
PRO HXT  H N N 193 
TRP N    N N N 194 
TRP CA   C N S 195 
TRP C    C N N 196 
TRP O    O N N 197 
TRP CB   C N N 198 
TRP CG   C Y N 199 
TRP CD1  C Y N 200 
TRP CD2  C Y N 201 
TRP NE1  N Y N 202 
TRP CE2  C Y N 203 
TRP CE3  C Y N 204 
TRP CZ2  C Y N 205 
TRP CZ3  C Y N 206 
TRP CH2  C Y N 207 
TRP OXT  O N N 208 
TRP H    H N N 209 
TRP H2   H N N 210 
TRP HA   H N N 211 
TRP HB2  H N N 212 
TRP HB3  H N N 213 
TRP HD1  H N N 214 
TRP HE1  H N N 215 
TRP HE3  H N N 216 
TRP HZ2  H N N 217 
TRP HZ3  H N N 218 
TRP HH2  H N N 219 
TRP HXT  H N N 220 
TYR N    N N N 221 
TYR CA   C N S 222 
TYR C    C N N 223 
TYR O    O N N 224 
TYR CB   C N N 225 
TYR CG   C Y N 226 
TYR CD1  C Y N 227 
TYR CD2  C Y N 228 
TYR CE1  C Y N 229 
TYR CE2  C Y N 230 
TYR CZ   C Y N 231 
TYR OH   O N N 232 
TYR OXT  O N N 233 
TYR H    H N N 234 
TYR H2   H N N 235 
TYR HA   H N N 236 
TYR HB2  H N N 237 
TYR HB3  H N N 238 
TYR HD1  H N N 239 
TYR HD2  H N N 240 
TYR HE1  H N N 241 
TYR HE2  H N N 242 
TYR HH   H N N 243 
TYR HXT  H N N 244 
# 
loop_
_chem_comp_bond.comp_id 
_chem_comp_bond.atom_id_1 
_chem_comp_bond.atom_id_2 
_chem_comp_bond.value_order 
_chem_comp_bond.pdbx_aromatic_flag 
_chem_comp_bond.pdbx_stereo_config 
_chem_comp_bond.pdbx_ordinal 
ACE C   O    doub N N 1   
ACE C   CH3  sing N N 2   
ACE C   H    sing N N 3   
ACE CH3 H1   sing N N 4   
ACE CH3 H2   sing N N 5   
ACE CH3 H3   sing N N 6   
ALA N   CA   sing N N 7   
ALA N   H    sing N N 8   
ALA N   H2   sing N N 9   
ALA CA  C    sing N N 10  
ALA CA  CB   sing N N 11  
ALA CA  HA   sing N N 12  
ALA C   O    doub N N 13  
ALA C   OXT  sing N N 14  
ALA CB  HB1  sing N N 15  
ALA CB  HB2  sing N N 16  
ALA CB  HB3  sing N N 17  
ALA OXT HXT  sing N N 18  
ARG N   CA   sing N N 19  
ARG N   H    sing N N 20  
ARG N   H2   sing N N 21  
ARG CA  C    sing N N 22  
ARG CA  CB   sing N N 23  
ARG CA  HA   sing N N 24  
ARG C   O    doub N N 25  
ARG C   OXT  sing N N 26  
ARG CB  CG   sing N N 27  
ARG CB  HB2  sing N N 28  
ARG CB  HB3  sing N N 29  
ARG CG  CD   sing N N 30  
ARG CG  HG2  sing N N 31  
ARG CG  HG3  sing N N 32  
ARG CD  NE   sing N N 33  
ARG CD  HD2  sing N N 34  
ARG CD  HD3  sing N N 35  
ARG NE  CZ   sing N N 36  
ARG NE  HE   sing N N 37  
ARG CZ  NH1  sing N N 38  
ARG CZ  NH2  doub N N 39  
ARG NH1 HH11 sing N N 40  
ARG NH1 HH12 sing N N 41  
ARG NH2 HH21 sing N N 42  
ARG NH2 HH22 sing N N 43  
ARG OXT HXT  sing N N 44  
GLN N   CA   sing N N 45  
GLN N   H    sing N N 46  
GLN N   H2   sing N N 47  
GLN CA  C    sing N N 48  
GLN CA  CB   sing N N 49  
GLN CA  HA   sing N N 50  
GLN C   O    doub N N 51  
GLN C   OXT  sing N N 52  
GLN CB  CG   sing N N 53  
GLN CB  HB2  sing N N 54  
GLN CB  HB3  sing N N 55  
GLN CG  CD   sing N N 56  
GLN CG  HG2  sing N N 57  
GLN CG  HG3  sing N N 58  
GLN CD  OE1  doub N N 59  
GLN CD  NE2  sing N N 60  
GLN NE2 HE21 sing N N 61  
GLN NE2 HE22 sing N N 62  
GLN OXT HXT  sing N N 63  
GLU N   CA   sing N N 64  
GLU N   H    sing N N 65  
GLU N   H2   sing N N 66  
GLU CA  C    sing N N 67  
GLU CA  CB   sing N N 68  
GLU CA  HA   sing N N 69  
GLU C   O    doub N N 70  
GLU C   OXT  sing N N 71  
GLU CB  CG   sing N N 72  
GLU CB  HB2  sing N N 73  
GLU CB  HB3  sing N N 74  
GLU CG  CD   sing N N 75  
GLU CG  HG2  sing N N 76  
GLU CG  HG3  sing N N 77  
GLU CD  OE1  doub N N 78  
GLU CD  OE2  sing N N 79  
GLU OE2 HE2  sing N N 80  
GLU OXT HXT  sing N N 81  
LEU N   CA   sing N N 82  
LEU N   H    sing N N 83  
LEU N   H2   sing N N 84  
LEU CA  C    sing N N 85  
LEU CA  CB   sing N N 86  
LEU CA  HA   sing N N 87  
LEU C   O    doub N N 88  
LEU C   OXT  sing N N 89  
LEU CB  CG   sing N N 90  
LEU CB  HB2  sing N N 91  
LEU CB  HB3  sing N N 92  
LEU CG  CD1  sing N N 93  
LEU CG  CD2  sing N N 94  
LEU CG  HG   sing N N 95  
LEU CD1 HD11 sing N N 96  
LEU CD1 HD12 sing N N 97  
LEU CD1 HD13 sing N N 98  
LEU CD2 HD21 sing N N 99  
LEU CD2 HD22 sing N N 100 
LEU CD2 HD23 sing N N 101 
LEU OXT HXT  sing N N 102 
LNK C1  C2   sing N N 103 
LNK C1  H11  sing N N 104 
LNK C1  H12  sing N N 105 
LNK C1  H13  sing N N 106 
LNK C2  C3   sing N N 107 
LNK C2  H21  sing N N 108 
LNK C2  H22  sing N N 109 
LNK C3  C4   sing N N 110 
LNK C3  H31  sing N N 111 
LNK C3  H32  sing N N 112 
LNK C4  C5   sing N N 113 
LNK C4  H41  sing N N 114 
LNK C4  H42  sing N N 115 
LNK C5  H51  sing N N 116 
LNK C5  H52  sing N N 117 
LNK C5  H23  sing N N 118 
LYS N   CA   sing N N 119 
LYS N   H    sing N N 120 
LYS N   H2   sing N N 121 
LYS CA  C    sing N N 122 
LYS CA  CB   sing N N 123 
LYS CA  HA   sing N N 124 
LYS C   O    doub N N 125 
LYS C   OXT  sing N N 126 
LYS CB  CG   sing N N 127 
LYS CB  HB2  sing N N 128 
LYS CB  HB3  sing N N 129 
LYS CG  CD   sing N N 130 
LYS CG  HG2  sing N N 131 
LYS CG  HG3  sing N N 132 
LYS CD  CE   sing N N 133 
LYS CD  HD2  sing N N 134 
LYS CD  HD3  sing N N 135 
LYS CE  NZ   sing N N 136 
LYS CE  HE2  sing N N 137 
LYS CE  HE3  sing N N 138 
LYS NZ  HZ1  sing N N 139 
LYS NZ  HZ2  sing N N 140 
LYS NZ  HZ3  sing N N 141 
LYS OXT HXT  sing N N 142 
NH2 N   HN1  sing N N 143 
NH2 N   HN2  sing N N 144 
PHE N   CA   sing N N 145 
PHE N   H    sing N N 146 
PHE N   H2   sing N N 147 
PHE CA  C    sing N N 148 
PHE CA  CB   sing N N 149 
PHE CA  HA   sing N N 150 
PHE C   O    doub N N 151 
PHE C   OXT  sing N N 152 
PHE CB  CG   sing N N 153 
PHE CB  HB2  sing N N 154 
PHE CB  HB3  sing N N 155 
PHE CG  CD1  doub Y N 156 
PHE CG  CD2  sing Y N 157 
PHE CD1 CE1  sing Y N 158 
PHE CD1 HD1  sing N N 159 
PHE CD2 CE2  doub Y N 160 
PHE CD2 HD2  sing N N 161 
PHE CE1 CZ   doub Y N 162 
PHE CE1 HE1  sing N N 163 
PHE CE2 CZ   sing Y N 164 
PHE CE2 HE2  sing N N 165 
PHE CZ  HZ   sing N N 166 
PHE OXT HXT  sing N N 167 
PRO N   CA   sing N N 168 
PRO N   CD   sing N N 169 
PRO N   H    sing N N 170 
PRO CA  C    sing N N 171 
PRO CA  CB   sing N N 172 
PRO CA  HA   sing N N 173 
PRO C   O    doub N N 174 
PRO C   OXT  sing N N 175 
PRO CB  CG   sing N N 176 
PRO CB  HB2  sing N N 177 
PRO CB  HB3  sing N N 178 
PRO CG  CD   sing N N 179 
PRO CG  HG2  sing N N 180 
PRO CG  HG3  sing N N 181 
PRO CD  HD2  sing N N 182 
PRO CD  HD3  sing N N 183 
PRO OXT HXT  sing N N 184 
TRP N   CA   sing N N 185 
TRP N   H    sing N N 186 
TRP N   H2   sing N N 187 
TRP CA  C    sing N N 188 
TRP CA  CB   sing N N 189 
TRP CA  HA   sing N N 190 
TRP C   O    doub N N 191 
TRP C   OXT  sing N N 192 
TRP CB  CG   sing N N 193 
TRP CB  HB2  sing N N 194 
TRP CB  HB3  sing N N 195 
TRP CG  CD1  doub Y N 196 
TRP CG  CD2  sing Y N 197 
TRP CD1 NE1  sing Y N 198 
TRP CD1 HD1  sing N N 199 
TRP CD2 CE2  doub Y N 200 
TRP CD2 CE3  sing Y N 201 
TRP NE1 CE2  sing Y N 202 
TRP NE1 HE1  sing N N 203 
TRP CE2 CZ2  sing Y N 204 
TRP CE3 CZ3  doub Y N 205 
TRP CE3 HE3  sing N N 206 
TRP CZ2 CH2  doub Y N 207 
TRP CZ2 HZ2  sing N N 208 
TRP CZ3 CH2  sing Y N 209 
TRP CZ3 HZ3  sing N N 210 
TRP CH2 HH2  sing N N 211 
TRP OXT HXT  sing N N 212 
TYR N   CA   sing N N 213 
TYR N   H    sing N N 214 
TYR N   H2   sing N N 215 
TYR CA  C    sing N N 216 
TYR CA  CB   sing N N 217 
TYR CA  HA   sing N N 218 
TYR C   O    doub N N 219 
TYR C   OXT  sing N N 220 
TYR CB  CG   sing N N 221 
TYR CB  HB2  sing N N 222 
TYR CB  HB3  sing N N 223 
TYR CG  CD1  doub Y N 224 
TYR CG  CD2  sing Y N 225 
TYR CD1 CE1  sing Y N 226 
TYR CD1 HD1  sing N N 227 
TYR CD2 CE2  doub Y N 228 
TYR CD2 HD2  sing N N 229 
TYR CE1 CZ   doub Y N 230 
TYR CE1 HE1  sing N N 231 
TYR CE2 CZ   sing Y N 232 
TYR CE2 HE2  sing N N 233 
TYR CZ  OH   sing N N 234 
TYR OH  HH   sing N N 235 
TYR OXT HXT  sing N N 236 
# 
_pdbx_nmr_spectrometer.spectrometer_id   1 
_pdbx_nmr_spectrometer.type              ? 
_pdbx_nmr_spectrometer.manufacturer      Bruker 
_pdbx_nmr_spectrometer.model             AVANCE 
_pdbx_nmr_spectrometer.field_strength    500 
# 
_atom_sites.entry_id                    1GJG 
_atom_sites.fract_transf_matrix[1][1]   1.000000 
_atom_sites.fract_transf_matrix[1][2]   0.000000 
_atom_sites.fract_transf_matrix[1][3]   0.000000 
_atom_sites.fract_transf_matrix[2][1]   0.000000 
_atom_sites.fract_transf_matrix[2][2]   1.000000 
_atom_sites.fract_transf_matrix[2][3]   0.000000 
_atom_sites.fract_transf_matrix[3][1]   0.000000 
_atom_sites.fract_transf_matrix[3][2]   0.000000 
_atom_sites.fract_transf_matrix[3][3]   1.000000 
_atom_sites.fract_transf_vector[1]      0.00000 
_atom_sites.fract_transf_vector[2]      0.00000 
_atom_sites.fract_transf_vector[3]      0.00000 
# 
loop_
_atom_type.symbol 
C 
H 
N 
O 
# 
loop_
_atom_site.group_PDB 
_atom_site.id 
_atom_site.type_symbol 
_atom_site.label_atom_id 
_atom_site.label_alt_id 
_atom_site.label_comp_id 
_atom_site.label_asym_id 
_atom_site.label_entity_id 
_atom_site.label_seq_id 
_atom_site.pdbx_PDB_ins_code 
_atom_site.Cartn_x 
_atom_site.Cartn_y 
_atom_site.Cartn_z 
_atom_site.occupancy 
_atom_site.B_iso_or_equiv 
_atom_site.pdbx_formal_charge 
_atom_site.auth_seq_id 
_atom_site.auth_comp_id 
_atom_site.auth_asym_id 
_atom_site.auth_atom_id 
_atom_site.pdbx_PDB_model_num 
HETATM 1   C C    . ACE A 1 1  ? -4.196  -10.692 5.176  1.00 0.00 ? 3  ACE A C    1 
HETATM 2   O O    . ACE A 1 1  ? -3.074  -11.077 4.850  1.00 0.00 ? 3  ACE A O    1 
HETATM 3   C CH3  . ACE A 1 1  ? -4.793  -11.104 6.517  1.00 0.00 ? 3  ACE A CH3  1 
HETATM 4   H H1   . ACE A 1 1  ? -4.090  -11.740 7.056  1.00 0.00 ? 3  ACE A H1   1 
HETATM 5   H H2   . ACE A 1 1  ? -5.001  -10.215 7.113  1.00 0.00 ? 3  ACE A H2   1 
HETATM 6   H H3   . ACE A 1 1  ? -5.719  -11.655 6.351  1.00 0.00 ? 3  ACE A H3   1 
ATOM   7   N N    . ARG A 1 2  ? -4.953  -9.907  4.403  1.00 0.00 ? 4  ARG A N    1 
ATOM   8   C CA   . ARG A 1 2  ? -4.527  -9.421  3.098  1.00 0.00 ? 4  ARG A CA   1 
ATOM   9   C C    . ARG A 1 2  ? -3.455  -8.337  3.276  1.00 0.00 ? 4  ARG A C    1 
ATOM   10  O O    . ARG A 1 2  ? -3.533  -7.561  4.229  1.00 0.00 ? 4  ARG A O    1 
ATOM   11  C CB   . ARG A 1 2  ? -5.738  -8.879  2.325  1.00 0.00 ? 4  ARG A CB   1 
ATOM   12  C CG   . ARG A 1 2  ? -6.767  -9.985  2.054  1.00 0.00 ? 4  ARG A CG   1 
ATOM   13  C CD   . ARG A 1 2  ? -7.950  -9.442  1.247  1.00 0.00 ? 4  ARG A CD   1 
ATOM   14  N NE   . ARG A 1 2  ? -8.941  -10.497 0.994  1.00 0.00 ? 4  ARG A NE   1 
ATOM   15  C CZ   . ARG A 1 2  ? -10.081 -10.333 0.304  1.00 0.00 ? 4  ARG A CZ   1 
ATOM   16  N NH1  . ARG A 1 2  ? -10.399 -9.141  -0.221 1.00 0.00 ? 4  ARG A NH1  1 
ATOM   17  N NH2  . ARG A 1 2  ? -10.911 -11.373 0.137  1.00 0.00 ? 4  ARG A NH2  1 
ATOM   18  H H    . ARG A 1 2  ? -5.857  -9.614  4.743  1.00 0.00 ? 4  ARG A H    1 
ATOM   19  H HA   . ARG A 1 2  ? -4.122  -10.270 2.546  1.00 0.00 ? 4  ARG A HA   1 
ATOM   20  H HB2  . ARG A 1 2  ? -6.206  -8.077  2.899  1.00 0.00 ? 4  ARG A HB2  1 
ATOM   21  H HB3  . ARG A 1 2  ? -5.399  -8.473  1.372  1.00 0.00 ? 4  ARG A HB3  1 
ATOM   22  H HG2  . ARG A 1 2  ? -6.291  -10.791 1.493  1.00 0.00 ? 4  ARG A HG2  1 
ATOM   23  H HG3  . ARG A 1 2  ? -7.142  -10.384 2.998  1.00 0.00 ? 4  ARG A HG3  1 
ATOM   24  H HD2  . ARG A 1 2  ? -8.421  -8.633  1.808  1.00 0.00 ? 4  ARG A HD2  1 
ATOM   25  H HD3  . ARG A 1 2  ? -7.583  -9.053  0.295  1.00 0.00 ? 4  ARG A HD3  1 
ATOM   26  H HE   . ARG A 1 2  ? -8.735  -11.411 1.373  1.00 0.00 ? 4  ARG A HE   1 
ATOM   27  H HH11 . ARG A 1 2  ? -9.778  -8.354  -0.098 1.00 0.00 ? 4  ARG A HH11 1 
ATOM   28  H HH12 . ARG A 1 2  ? -11.257 -9.021  -0.739 1.00 0.00 ? 4  ARG A HH12 1 
ATOM   29  H HH21 . ARG A 1 2  ? -10.679 -12.274 0.528  1.00 0.00 ? 4  ARG A HH21 1 
ATOM   30  H HH22 . ARG A 1 2  ? -11.771 -11.262 -0.380 1.00 0.00 ? 4  ARG A HH22 1 
ATOM   31  N N    . PRO A 1 3  ? -2.448  -8.269  2.388  1.00 0.00 ? 5  PRO A N    1 
ATOM   32  C CA   . PRO A 1 3  ? -1.354  -7.316  2.495  1.00 0.00 ? 5  PRO A CA   1 
ATOM   33  C C    . PRO A 1 3  ? -1.853  -5.896  2.229  1.00 0.00 ? 5  PRO A C    1 
ATOM   34  O O    . PRO A 1 3  ? -2.498  -5.646  1.213  1.00 0.00 ? 5  PRO A O    1 
ATOM   35  C CB   . PRO A 1 3  ? -0.321  -7.765  1.457  1.00 0.00 ? 5  PRO A CB   1 
ATOM   36  C CG   . PRO A 1 3  ? -1.168  -8.463  0.393  1.00 0.00 ? 5  PRO A CG   1 
ATOM   37  C CD   . PRO A 1 3  ? -2.277  -9.115  1.218  1.00 0.00 ? 5  PRO A CD   1 
ATOM   38  H HA   . PRO A 1 3  ? -0.896  -7.365  3.483  1.00 0.00 ? 5  PRO A HA   1 
ATOM   39  H HB2  . PRO A 1 3  ? 0.262   -6.937  1.053  1.00 0.00 ? 5  PRO A HB2  1 
ATOM   40  H HB3  . PRO A 1 3  ? 0.345   -8.499  1.912  1.00 0.00 ? 5  PRO A HB3  1 
ATOM   41  H HG2  . PRO A 1 3  ? -1.603  -7.721  -0.277 1.00 0.00 ? 5  PRO A HG2  1 
ATOM   42  H HG3  . PRO A 1 3  ? -0.593  -9.193  -0.178 1.00 0.00 ? 5  PRO A HG3  1 
ATOM   43  H HD2  . PRO A 1 3  ? -3.189  -9.187  0.625  1.00 0.00 ? 5  PRO A HD2  1 
ATOM   44  H HD3  . PRO A 1 3  ? -1.955  -10.108 1.538  1.00 0.00 ? 5  PRO A HD3  1 
ATOM   45  N N    . LEU A 1 4  ? -1.549  -4.972  3.148  1.00 0.00 ? 6  LEU A N    1 
ATOM   46  C CA   . LEU A 1 4  ? -1.755  -3.539  2.969  1.00 0.00 ? 6  LEU A CA   1 
ATOM   47  C C    . LEU A 1 4  ? -0.519  -2.870  2.360  1.00 0.00 ? 6  LEU A C    1 
ATOM   48  O O    . LEU A 1 4  ? -0.647  -1.770  1.832  1.00 0.00 ? 6  LEU A O    1 
ATOM   49  C CB   . LEU A 1 4  ? -2.119  -2.878  4.311  1.00 0.00 ? 6  LEU A CB   1 
ATOM   50  C CG   . LEU A 1 4  ? -3.627  -2.821  4.609  1.00 0.00 ? 6  LEU A CG   1 
ATOM   51  C CD1  . LEU A 1 4  ? -4.358  -1.834  3.686  1.00 0.00 ? 6  LEU A CD1  1 
ATOM   52  C CD2  . LEU A 1 4  ? -4.289  -4.203  4.555  1.00 0.00 ? 6  LEU A CD2  1 
ATOM   53  H H    . LEU A 1 4  ? -1.062  -5.266  3.982  1.00 0.00 ? 6  LEU A H    1 
ATOM   54  H HA   . LEU A 1 4  ? -2.566  -3.372  2.262  1.00 0.00 ? 6  LEU A HA   1 
ATOM   55  H HB2  . LEU A 1 4  ? -1.611  -3.404  5.120  1.00 0.00 ? 6  LEU A HB2  1 
ATOM   56  H HB3  . LEU A 1 4  ? -1.756  -1.849  4.315  1.00 0.00 ? 6  LEU A HB3  1 
ATOM   57  H HG   . LEU A 1 4  ? -3.733  -2.445  5.628  1.00 0.00 ? 6  LEU A HG   1 
ATOM   58  H HD11 . LEU A 1 4  ? -3.861  -0.861  3.700  1.00 0.00 ? 6  LEU A HD11 1 
ATOM   59  H HD12 . LEU A 1 4  ? -4.386  -2.200  2.663  1.00 0.00 ? 6  LEU A HD12 1 
ATOM   60  H HD13 . LEU A 1 4  ? -5.383  -1.705  4.035  1.00 0.00 ? 6  LEU A HD13 1 
ATOM   61  H HD21 . LEU A 1 4  ? -3.753  -4.892  5.208  1.00 0.00 ? 6  LEU A HD21 1 
ATOM   62  H HD22 . LEU A 1 4  ? -5.321  -4.125  4.896  1.00 0.00 ? 6  LEU A HD22 1 
ATOM   63  H HD23 . LEU A 1 4  ? -4.286  -4.592  3.537  1.00 0.00 ? 6  LEU A HD23 1 
ATOM   64  N N    . GLN A 1 5  ? 0.662   -3.500  2.450  1.00 0.00 ? 7  GLN A N    1 
ATOM   65  C CA   . GLN A 1 5  ? 1.939   -2.926  2.036  1.00 0.00 ? 7  GLN A CA   1 
ATOM   66  C C    . GLN A 1 5  ? 1.885   -2.318  0.635  1.00 0.00 ? 7  GLN A C    1 
ATOM   67  O O    . GLN A 1 5  ? 2.226   -1.150  0.463  1.00 0.00 ? 7  GLN A O    1 
ATOM   68  C CB   . GLN A 1 5  ? 3.041   -3.993  2.113  1.00 0.00 ? 7  GLN A CB   1 
ATOM   69  C CG   . GLN A 1 5  ? 3.387   -4.389  3.555  1.00 0.00 ? 7  GLN A CG   1 
ATOM   70  C CD   . GLN A 1 5  ? 3.870   -3.201  4.388  1.00 0.00 ? 7  GLN A CD   1 
ATOM   71  O OE1  . GLN A 1 5  ? 3.282   -2.895  5.423  1.00 0.00 ? 7  GLN A OE1  1 
ATOM   72  N NE2  . GLN A 1 5  ? 4.930   -2.530  3.921  1.00 0.00 ? 7  GLN A NE2  1 
ATOM   73  H H    . GLN A 1 5  ? 0.692   -4.406  2.892  1.00 0.00 ? 7  GLN A H    1 
ATOM   74  H HA   . GLN A 1 5  ? 2.177   -2.112  2.721  1.00 0.00 ? 7  GLN A HA   1 
ATOM   75  H HB2  . GLN A 1 5  ? 2.724   -4.883  1.567  1.00 0.00 ? 7  GLN A HB2  1 
ATOM   76  H HB3  . GLN A 1 5  ? 3.942   -3.609  1.631  1.00 0.00 ? 7  GLN A HB3  1 
ATOM   77  H HG2  . GLN A 1 5  ? 2.511   -4.831  4.033  1.00 0.00 ? 7  GLN A HG2  1 
ATOM   78  H HG3  . GLN A 1 5  ? 4.177   -5.140  3.533  1.00 0.00 ? 7  GLN A HG3  1 
ATOM   79  H HE21 . GLN A 1 5  ? 5.350   -2.826  3.051  1.00 0.00 ? 7  GLN A HE21 1 
ATOM   80  N N    . TRP A 1 6  ? 1.445   -3.098  -0.358 1.00 0.00 ? 8  TRP A N    1 
ATOM   81  C CA   . TRP A 1 6  ? 1.348   -2.631  -1.737 1.00 0.00 ? 8  TRP A CA   1 
ATOM   82  C C    . TRP A 1 6  ? 0.468   -1.377  -1.840 1.00 0.00 ? 8  TRP A C    1 
ATOM   83  O O    . TRP A 1 6  ? 0.787   -0.463  -2.595 1.00 0.00 ? 8  TRP A O    1 
ATOM   84  C CB   . TRP A 1 6  ? 0.814   -3.753  -2.635 1.00 0.00 ? 8  TRP A CB   1 
ATOM   85  C CG   . TRP A 1 6  ? -0.631  -4.087  -2.430 1.00 0.00 ? 8  TRP A CG   1 
ATOM   86  C CD1  . TRP A 1 6  ? -1.115  -4.925  -1.490 1.00 0.00 ? 8  TRP A CD1  1 
ATOM   87  C CD2  . TRP A 1 6  ? -1.798  -3.507  -3.083 1.00 0.00 ? 8  TRP A CD2  1 
ATOM   88  N NE1  . TRP A 1 6  ? -2.493  -4.899  -1.502 1.00 0.00 ? 8  TRP A NE1  1 
ATOM   89  C CE2  . TRP A 1 6  ? -2.969  -4.028  -2.460 1.00 0.00 ? 8  TRP A CE2  1 
ATOM   90  C CE3  . TRP A 1 6  ? -1.987  -2.558  -4.111 1.00 0.00 ? 8  TRP A CE3  1 
ATOM   91  C CZ2  . TRP A 1 6  ? -4.260  -3.628  -2.835 1.00 0.00 ? 8  TRP A CZ2  1 
ATOM   92  C CZ3  . TRP A 1 6  ? -3.278  -2.164  -4.506 1.00 0.00 ? 8  TRP A CZ3  1 
ATOM   93  C CH2  . TRP A 1 6  ? -4.413  -2.693  -3.870 1.00 0.00 ? 8  TRP A CH2  1 
ATOM   94  H H    . TRP A 1 6  ? 1.163   -4.045  -0.147 1.00 0.00 ? 8  TRP A H    1 
ATOM   95  H HA   . TRP A 1 6  ? 2.353   -2.379  -2.078 1.00 0.00 ? 8  TRP A HA   1 
ATOM   96  H HB2  . TRP A 1 6  ? 0.941   -3.444  -3.673 1.00 0.00 ? 8  TRP A HB2  1 
ATOM   97  H HB3  . TRP A 1 6  ? 1.415   -4.650  -2.480 1.00 0.00 ? 8  TRP A HB3  1 
ATOM   98  H HD1  . TRP A 1 6  ? -0.511  -5.488  -0.794 1.00 0.00 ? 8  TRP A HD1  1 
ATOM   99  H HE1  . TRP A 1 6  ? -3.085  -5.411  -0.861 1.00 0.00 ? 8  TRP A HE1  1 
ATOM   100 H HE3  . TRP A 1 6  ? -1.126  -2.123  -4.598 1.00 0.00 ? 8  TRP A HE3  1 
ATOM   101 H HZ2  . TRP A 1 6  ? -5.127  -4.021  -2.325 1.00 0.00 ? 8  TRP A HZ2  1 
ATOM   102 H HZ3  . TRP A 1 6  ? -3.396  -1.443  -5.297 1.00 0.00 ? 8  TRP A HZ3  1 
ATOM   103 H HH2  . TRP A 1 6  ? -5.401  -2.375  -4.172 1.00 0.00 ? 8  TRP A HH2  1 
ATOM   104 N N    . LEU A 1 7  ? -0.636  -1.343  -1.083 1.00 0.00 ? 9  LEU A N    1 
ATOM   105 C CA   . LEU A 1 7  ? -1.623  -0.272  -1.088 1.00 0.00 ? 9  LEU A CA   1 
ATOM   106 C C    . LEU A 1 7  ? -0.995  0.993   -0.491 1.00 0.00 ? 9  LEU A C    1 
ATOM   107 O O    . LEU A 1 7  ? -1.027  2.053   -1.117 1.00 0.00 ? 9  LEU A O    1 
ATOM   108 C CB   . LEU A 1 7  ? -2.878  -0.760  -0.329 1.00 0.00 ? 9  LEU A CB   1 
ATOM   109 C CG   . LEU A 1 7  ? -4.220  -0.304  -0.926 1.00 0.00 ? 9  LEU A CG   1 
ATOM   110 C CD1  . LEU A 1 7  ? -5.365  -1.120  -0.312 1.00 0.00 ? 9  LEU A CD1  1 
ATOM   111 C CD2  . LEU A 1 7  ? -4.541  1.165   -0.659 1.00 0.00 ? 9  LEU A CD2  1 
ATOM   112 H H    . LEU A 1 7  ? -0.803  -2.116  -0.454 1.00 0.00 ? 9  LEU A H    1 
ATOM   113 H HA   . LEU A 1 7  ? -1.896  -0.082  -2.127 1.00 0.00 ? 9  LEU A HA   1 
ATOM   114 H HB2  . LEU A 1 7  ? -2.891  -1.849  -0.391 1.00 0.00 ? 9  LEU A HB2  1 
ATOM   115 H HB3  . LEU A 1 7  ? -2.824  -0.485  0.725  1.00 0.00 ? 9  LEU A HB3  1 
ATOM   116 H HG   . LEU A 1 7  ? -4.204  -0.478  -2.002 1.00 0.00 ? 9  LEU A HG   1 
ATOM   117 H HD11 . LEU A 1 7  ? -5.226  -2.181  -0.511 1.00 0.00 ? 9  LEU A HD11 1 
ATOM   118 H HD12 . LEU A 1 7  ? -5.395  -0.962  0.767  1.00 0.00 ? 9  LEU A HD12 1 
ATOM   119 H HD13 . LEU A 1 7  ? -6.314  -0.795  -0.740 1.00 0.00 ? 9  LEU A HD13 1 
ATOM   120 H HD21 . LEU A 1 7  ? -3.662  1.785   -0.801 1.00 0.00 ? 9  LEU A HD21 1 
ATOM   121 H HD22 . LEU A 1 7  ? -5.329  1.488   -1.340 1.00 0.00 ? 9  LEU A HD22 1 
ATOM   122 H HD23 . LEU A 1 7  ? -4.899  1.275   0.363  1.00 0.00 ? 9  LEU A HD23 1 
ATOM   123 N N    . ALA A 1 8  ? -0.381  0.855   0.694  1.00 0.00 ? 10 ALA A N    1 
ATOM   124 C CA   . ALA A 1 8  ? 0.363   1.887   1.406  1.00 0.00 ? 10 ALA A CA   1 
ATOM   125 C C    . ALA A 1 8  ? 1.393   2.561   0.495  1.00 0.00 ? 10 ALA A C    1 
ATOM   126 O O    . ALA A 1 8  ? 1.427   3.785   0.381  1.00 0.00 ? 10 ALA A O    1 
ATOM   127 C CB   . ALA A 1 8  ? 1.035   1.280   2.640  1.00 0.00 ? 10 ALA A CB   1 
ATOM   128 H H    . ALA A 1 8  ? -0.392  -0.064  1.116  1.00 0.00 ? 10 ALA A H    1 
ATOM   129 H HA   . ALA A 1 8  ? -0.332  2.629   1.786  1.00 0.00 ? 10 ALA A HA   1 
ATOM   130 H HB1  . ALA A 1 8  ? 0.285   0.800   3.270  1.00 0.00 ? 10 ALA A HB1  1 
ATOM   131 H HB2  . ALA A 1 8  ? 1.784   0.543   2.354  1.00 0.00 ? 10 ALA A HB2  1 
ATOM   132 H HB3  . ALA A 1 8  ? 1.518   2.072   3.212  1.00 0.00 ? 10 ALA A HB3  1 
ATOM   133 N N    . GLU A 1 9  ? 2.222   1.741   -0.155 1.00 0.00 ? 11 GLU A N    1 
ATOM   134 C CA   . GLU A 1 9  ? 3.277   2.177   -1.055 1.00 0.00 ? 11 GLU A CA   1 
ATOM   135 C C    . GLU A 1 9  ? 2.696   2.887   -2.280 1.00 0.00 ? 11 GLU A C    1 
ATOM   136 O O    . GLU A 1 9  ? 3.135   3.982   -2.624 1.00 0.00 ? 11 GLU A O    1 
ATOM   137 C CB   . GLU A 1 9  ? 4.115   0.959   -1.465 1.00 0.00 ? 11 GLU A CB   1 
ATOM   138 C CG   . GLU A 1 9  ? 4.928   0.430   -0.275 1.00 0.00 ? 11 GLU A CG   1 
ATOM   139 C CD   . GLU A 1 9  ? 5.469   -0.975  -0.522 1.00 0.00 ? 11 GLU A CD   1 
ATOM   140 O OE1  . GLU A 1 9  ? 5.886   -1.236  -1.671 1.00 0.00 ? 11 GLU A OE1  1 
ATOM   141 O OE2  . GLU A 1 9  ? 5.460   -1.764  0.449  1.00 0.00 ? 11 GLU A OE2  1 
ATOM   142 H H    . GLU A 1 9  ? 2.131   0.744   -0.004 1.00 0.00 ? 11 GLU A H    1 
ATOM   143 H HA   . GLU A 1 9  ? 3.923   2.874   -0.526 1.00 0.00 ? 11 GLU A HA   1 
ATOM   144 H HB2  . GLU A 1 9  ? 3.452   0.175   -1.836 1.00 0.00 ? 11 GLU A HB2  1 
ATOM   145 H HB3  . GLU A 1 9  ? 4.806   1.238   -2.262 1.00 0.00 ? 11 GLU A HB3  1 
ATOM   146 H HG2  . GLU A 1 9  ? 5.765   1.102   -0.087 1.00 0.00 ? 11 GLU A HG2  1 
ATOM   147 H HG3  . GLU A 1 9  ? 4.304   0.396   0.617  1.00 0.00 ? 11 GLU A HG3  1 
ATOM   148 N N    . LYS A 1 10 ? 1.722   2.254   -2.942 1.00 0.00 ? 12 LYS A N    1 
ATOM   149 C CA   . LYS A 1 10 ? 1.174   2.703   -4.211 1.00 0.00 ? 12 LYS A CA   1 
ATOM   150 C C    . LYS A 1 10 ? 0.470   4.056   -4.086 1.00 0.00 ? 12 LYS A C    1 
ATOM   151 O O    . LYS A 1 10 ? 0.880   5.022   -4.727 1.00 0.00 ? 12 LYS A O    1 
ATOM   152 C CB   . LYS A 1 10 ? 0.235   1.617   -4.760 1.00 0.00 ? 12 LYS A CB   1 
ATOM   153 C CG   . LYS A 1 10 ? -0.417  2.001   -6.093 1.00 0.00 ? 12 LYS A CG   1 
ATOM   154 C CD   . LYS A 1 10 ? -1.295  0.843   -6.579 1.00 0.00 ? 12 LYS A CD   1 
ATOM   155 C CE   . LYS A 1 10 ? -2.061  1.230   -7.849 1.00 0.00 ? 12 LYS A CE   1 
ATOM   156 N NZ   . LYS A 1 10 ? -3.084  0.224   -8.184 1.00 0.00 ? 12 LYS A NZ   1 
ATOM   157 H H    . LYS A 1 10 ? 1.402   1.361   -2.589 1.00 0.00 ? 12 LYS A H    1 
ATOM   158 H HA   . LYS A 1 10 ? 2.000   2.812   -4.916 1.00 0.00 ? 12 LYS A HA   1 
ATOM   159 H HB2  . LYS A 1 10 ? 0.815   0.707   -4.914 1.00 0.00 ? 12 LYS A HB2  1 
ATOM   160 H HB3  . LYS A 1 10 ? -0.549  1.414   -4.029 1.00 0.00 ? 12 LYS A HB3  1 
ATOM   161 H HG2  . LYS A 1 10 ? -1.041  2.885   -5.958 1.00 0.00 ? 12 LYS A HG2  1 
ATOM   162 H HG3  . LYS A 1 10 ? 0.355   2.215   -6.834 1.00 0.00 ? 12 LYS A HG3  1 
ATOM   163 H HD2  . LYS A 1 10 ? -0.673  -0.030  -6.780 1.00 0.00 ? 12 LYS A HD2  1 
ATOM   164 H HD3  . LYS A 1 10 ? -2.004  0.590   -5.793 1.00 0.00 ? 12 LYS A HD3  1 
ATOM   165 H HE2  . LYS A 1 10 ? -2.558  2.189   -7.703 1.00 0.00 ? 12 LYS A HE2  1 
ATOM   166 H HE3  . LYS A 1 10 ? -1.358  1.321   -8.678 1.00 0.00 ? 12 LYS A HE3  1 
ATOM   167 H HZ1  . LYS A 1 10 ? -2.657  -0.688  -8.267 1.00 0.00 ? 12 LYS A HZ1  1 
ATOM   168 H HZ2  . LYS A 1 10 ? -3.788  0.205   -7.458 1.00 0.00 ? 12 LYS A HZ2  1 
ATOM   169 H HZ3  . LYS A 1 10 ? -3.524  0.468   -9.060 1.00 0.00 ? 12 LYS A HZ3  1 
ATOM   170 N N    . TYR A 1 11 ? -0.613  4.114   -3.303 1.00 0.00 ? 13 TYR A N    1 
ATOM   171 C CA   . TYR A 1 11 ? -1.500  5.269   -3.274 1.00 0.00 ? 13 TYR A CA   1 
ATOM   172 C C    . TYR A 1 11 ? -0.991  6.360   -2.336 1.00 0.00 ? 13 TYR A C    1 
ATOM   173 O O    . TYR A 1 11 ? -0.780  7.494   -2.762 1.00 0.00 ? 13 TYR A O    1 
ATOM   174 C CB   . TYR A 1 11 ? -2.914  4.828   -2.877 1.00 0.00 ? 13 TYR A CB   1 
ATOM   175 C CG   . TYR A 1 11 ? -3.569  3.891   -3.874 1.00 0.00 ? 13 TYR A CG   1 
ATOM   176 C CD1  . TYR A 1 11 ? -4.236  4.408   -4.999 1.00 0.00 ? 13 TYR A CD1  1 
ATOM   177 C CD2  . TYR A 1 11 ? -3.513  2.501   -3.674 1.00 0.00 ? 13 TYR A CD2  1 
ATOM   178 C CE1  . TYR A 1 11 ? -4.854  3.538   -5.915 1.00 0.00 ? 13 TYR A CE1  1 
ATOM   179 C CE2  . TYR A 1 11 ? -4.170  1.635   -4.562 1.00 0.00 ? 13 TYR A CE2  1 
ATOM   180 C CZ   . TYR A 1 11 ? -4.815  2.148   -5.699 1.00 0.00 ? 13 TYR A CZ   1 
ATOM   181 O OH   . TYR A 1 11 ? -5.387  1.296   -6.597 1.00 0.00 ? 13 TYR A OH   1 
ATOM   182 H H    . TYR A 1 11 ? -0.875  3.298   -2.764 1.00 0.00 ? 13 TYR A H    1 
ATOM   183 H HA   . TYR A 1 11 ? -1.568  5.694   -4.277 1.00 0.00 ? 13 TYR A HA   1 
ATOM   184 H HB2  . TYR A 1 11 ? -2.882  4.344   -1.900 1.00 0.00 ? 13 TYR A HB2  1 
ATOM   185 H HB3  . TYR A 1 11 ? -3.540  5.717   -2.784 1.00 0.00 ? 13 TYR A HB3  1 
ATOM   186 H HD1  . TYR A 1 11 ? -4.275  5.475   -5.164 1.00 0.00 ? 13 TYR A HD1  1 
ATOM   187 H HD2  . TYR A 1 11 ? -2.969  2.097   -2.836 1.00 0.00 ? 13 TYR A HD2  1 
ATOM   188 H HE1  . TYR A 1 11 ? -5.357  3.941   -6.781 1.00 0.00 ? 13 TYR A HE1  1 
ATOM   189 H HE2  . TYR A 1 11 ? -4.170  0.574   -4.372 1.00 0.00 ? 13 TYR A HE2  1 
ATOM   190 H HH   . TYR A 1 11 ? -5.901  1.752   -7.269 1.00 0.00 ? 13 TYR A HH   1 
ATOM   191 N N    . PHE A 1 12 ? -0.823  6.023   -1.054 1.00 0.00 ? 14 PHE A N    1 
ATOM   192 C CA   . PHE A 1 12 ? -0.558  6.998   -0.004 1.00 0.00 ? 14 PHE A CA   1 
ATOM   193 C C    . PHE A 1 12 ? 0.847   7.572   -0.174 1.00 0.00 ? 14 PHE A C    1 
ATOM   194 O O    . PHE A 1 12 ? 1.016   8.790   -0.183 1.00 0.00 ? 14 PHE A O    1 
ATOM   195 C CB   . PHE A 1 12 ? -0.745  6.372   1.384  1.00 0.00 ? 14 PHE A CB   1 
ATOM   196 C CG   . PHE A 1 12 ? -2.092  5.713   1.624  1.00 0.00 ? 14 PHE A CG   1 
ATOM   197 C CD1  . PHE A 1 12 ? -2.297  4.385   1.211  1.00 0.00 ? 14 PHE A CD1  1 
ATOM   198 C CD2  . PHE A 1 12 ? -3.096  6.368   2.364  1.00 0.00 ? 14 PHE A CD2  1 
ATOM   199 C CE1  . PHE A 1 12 ? -3.435  3.678   1.626  1.00 0.00 ? 14 PHE A CE1  1 
ATOM   200 C CE2  . PHE A 1 12 ? -4.275  5.684   2.712  1.00 0.00 ? 14 PHE A CE2  1 
ATOM   201 C CZ   . PHE A 1 12 ? -4.439  4.332   2.356  1.00 0.00 ? 14 PHE A CZ   1 
ATOM   202 H H    . PHE A 1 12 ? -0.927  5.056   -0.794 1.00 0.00 ? 14 PHE A H    1 
ATOM   203 H HA   . PHE A 1 12 ? -1.281  7.810   -0.099 1.00 0.00 ? 14 PHE A HA   1 
ATOM   204 H HB2  . PHE A 1 12 ? 0.031   5.626   1.549  1.00 0.00 ? 14 PHE A HB2  1 
ATOM   205 H HB3  . PHE A 1 12 ? -0.599  7.157   2.128  1.00 0.00 ? 14 PHE A HB3  1 
ATOM   206 H HD1  . PHE A 1 12 ? -1.571  3.892   0.591  1.00 0.00 ? 14 PHE A HD1  1 
ATOM   207 H HD2  . PHE A 1 12 ? -2.959  7.393   2.679  1.00 0.00 ? 14 PHE A HD2  1 
ATOM   208 H HE1  . PHE A 1 12 ? -3.518  2.628   1.395  1.00 0.00 ? 14 PHE A HE1  1 
ATOM   209 H HE2  . PHE A 1 12 ? -5.049  6.190   3.271  1.00 0.00 ? 14 PHE A HE2  1 
ATOM   210 H HZ   . PHE A 1 12 ? -5.328  3.789   2.644  1.00 0.00 ? 14 PHE A HZ   1 
ATOM   211 N N    . GLN A 1 13 ? 1.839   6.692   -0.347 1.00 0.00 ? 15 GLN A N    1 
ATOM   212 C CA   . GLN A 1 13 ? 3.216   7.071   -0.634 1.00 0.00 ? 15 GLN A CA   1 
ATOM   213 C C    . GLN A 1 13 ? 3.466   7.048   -2.149 1.00 0.00 ? 15 GLN A C    1 
ATOM   214 O O    . GLN A 1 13 ? 4.569   6.733   -2.592 1.00 0.00 ? 15 GLN A O    1 
ATOM   215 C CB   . GLN A 1 13 ? 4.163   6.123   0.113  1.00 0.00 ? 15 GLN A CB   1 
ATOM   216 C CG   . GLN A 1 13 ? 3.917   6.131   1.628  1.00 0.00 ? 15 GLN A CG   1 
ATOM   217 C CD   . GLN A 1 13 ? 4.852   5.160   2.342  1.00 0.00 ? 15 GLN A CD   1 
ATOM   218 O OE1  . GLN A 1 13 ? 5.805   5.584   2.994  1.00 0.00 ? 15 GLN A OE1  1 
ATOM   219 N NE2  . GLN A 1 13 ? 4.568   3.858   2.218  1.00 0.00 ? 15 GLN A NE2  1 
ATOM   220 H H    . GLN A 1 13 ? 1.625   5.702   -0.322 1.00 0.00 ? 15 GLN A H    1 
ATOM   221 H HA   . GLN A 1 13 ? 3.412   8.084   -0.278 1.00 0.00 ? 15 GLN A HA   1 
ATOM   222 H HB2  . GLN A 1 13 ? 4.024   5.114   -0.269 1.00 0.00 ? 15 GLN A HB2  1 
ATOM   223 H HB3  . GLN A 1 13 ? 5.196   6.425   -0.070 1.00 0.00 ? 15 GLN A HB3  1 
ATOM   224 H HG2  . GLN A 1 13 ? 4.087   7.139   2.010  1.00 0.00 ? 15 GLN A HG2  1 
ATOM   225 H HG3  . GLN A 1 13 ? 2.891   5.843   1.853  1.00 0.00 ? 15 GLN A HG3  1 
ATOM   226 H HE21 . GLN A 1 13 ? 3.762   3.575   1.681  1.00 0.00 ? 15 GLN A HE21 1 
HETATM 227 N N    . NH2 A 1 14 ? 2.455   7.380   -2.959 1.00 0.00 ? 16 NH2 A N    1 
HETATM 228 H HN1  . NH2 A 1 14 ? 2.590   7.349   -3.959 1.00 0.00 ? 16 NH2 A HN1  1 
HETATM 229 H HN2  . NH2 A 1 14 ? 1.556   7.643   -2.581 1.00 0.00 ? 16 NH2 A HN2  1 
HETATM 230 C C1   . LNK B 2 .  ? 5.355   2.792   2.810  1.00 0.00 ? 17 LNK A C1   1 
HETATM 231 C C2   . LNK B 2 .  ? 4.799   2.444   4.195  1.00 0.00 ? 17 LNK A C2   1 
HETATM 232 C C3   . LNK B 2 .  ? 5.405   1.143   4.731  1.00 0.00 ? 17 LNK A C3   1 
HETATM 233 C C4   . LNK B 2 .  ? 4.796   -0.093  4.057  1.00 0.00 ? 17 LNK A C4   1 
HETATM 234 C C5   . LNK B 2 .  ? 5.496   -1.353  4.563  1.00 0.00 ? 17 LNK A C5   1 
HETATM 235 H H11  . LNK B 2 .  ? 6.405   3.076   2.890  1.00 0.00 ? 17 LNK A H11  1 
HETATM 236 H H12  . LNK B 2 .  ? 5.284   1.934   2.147  1.00 0.00 ? 17 LNK A H12  1 
HETATM 237 H H21  . LNK B 2 .  ? 5.045   3.258   4.878  1.00 0.00 ? 17 LNK A H21  1 
HETATM 238 H H22  . LNK B 2 .  ? 3.715   2.341   4.152  1.00 0.00 ? 17 LNK A H22  1 
HETATM 239 H H31  . LNK B 2 .  ? 6.485   1.160   4.582  1.00 0.00 ? 17 LNK A H31  1 
HETATM 240 H H32  . LNK B 2 .  ? 5.202   1.084   5.802  1.00 0.00 ? 17 LNK A H32  1 
HETATM 241 H H41  . LNK B 2 .  ? 3.731   -0.146  4.287  1.00 0.00 ? 17 LNK A H41  1 
HETATM 242 H H42  . LNK B 2 .  ? 4.921   -0.049  2.976  1.00 0.00 ? 17 LNK A H42  1 
HETATM 243 H H51  . LNK B 2 .  ? 6.553   -1.289  4.305  1.00 0.00 ? 17 LNK A H51  1 
HETATM 244 H H52  . LNK B 2 .  ? 5.396   -1.415  5.646  1.00 0.00 ? 17 LNK A H52  1 
# 
